data_7BNR
#
_entry.id   7BNR
#
_cell.length_a   45.750
_cell.length_b   80.870
_cell.length_c   135.710
_cell.angle_alpha   90.000
_cell.angle_beta   90.000
_cell.angle_gamma   90.000
#
_symmetry.space_group_name_H-M   'P 21 21 21'
#
loop_
_entity.id
_entity.type
_entity.pdbx_description
1 polymer 'ParB family protein'
2 non-polymer "Cytosine 5'-[gamma-thio]triphosphate"
3 non-polymer GLYCEROL
4 non-polymer 'MAGNESIUM ION'
5 water water
#
_entity_poly.entity_id   1
_entity_poly.type   'polypeptide(L)'
_entity_poly.pdbx_seq_one_letter_code
;KAGVLKLPIESIHRDKDAPRTYFDEEKLKELSESIKAQGVLQPILVRKDGDGYRIIAGERRWRASQAAGLKEVPAIVRDV
TEVQAFELALVENLQRADLNPIEEAEGYKRLVDEFKLTQEQVSVRVGKERSTVANALRLLALPTDVKGMVADGSLSMGHA
RALLGVPRLPELQNLAKQVADKKLSVRDTERLVQQSRSSGKKDAGKAAPKQS
;
_entity_poly.pdbx_strand_id   A,B
#
# COMPACT_ATOMS: atom_id res chain seq x y z
N GLY A 3 17.06 5.92 -18.48
CA GLY A 3 16.09 6.97 -18.72
C GLY A 3 14.68 6.44 -18.89
N VAL A 4 13.70 7.32 -18.82
CA VAL A 4 12.31 6.94 -19.03
C VAL A 4 12.00 7.05 -20.51
N LEU A 5 11.70 5.91 -21.12
CA LEU A 5 11.36 5.82 -22.53
C LEU A 5 10.01 5.13 -22.65
N LYS A 6 9.40 5.22 -23.82
CA LYS A 6 8.17 4.49 -24.11
C LYS A 6 8.54 3.20 -24.82
N LEU A 7 8.11 2.06 -24.26
CA LEU A 7 8.39 0.80 -24.92
C LEU A 7 7.12 0.21 -25.52
N PRO A 8 7.18 -0.37 -26.72
CA PRO A 8 6.01 -1.06 -27.26
C PRO A 8 5.51 -2.11 -26.27
N ILE A 9 4.20 -2.12 -26.03
CA ILE A 9 3.66 -3.00 -25.00
C ILE A 9 3.93 -4.46 -25.34
N GLU A 10 3.94 -4.82 -26.63
CA GLU A 10 4.16 -6.20 -27.03
C GLU A 10 5.62 -6.64 -26.90
N SER A 11 6.55 -5.71 -26.71
CA SER A 11 7.94 -6.07 -26.50
C SER A 11 8.23 -6.45 -25.06
N ILE A 12 7.24 -6.35 -24.18
CA ILE A 12 7.37 -6.58 -22.75
C ILE A 12 6.61 -7.86 -22.40
N HIS A 13 7.24 -8.73 -21.61
CA HIS A 13 6.57 -9.92 -21.11
C HIS A 13 6.73 -10.01 -19.60
N ARG A 14 5.83 -10.76 -18.98
CA ARG A 14 5.80 -10.86 -17.53
C ARG A 14 6.97 -11.70 -17.02
N ASP A 15 7.28 -11.51 -15.74
CA ASP A 15 8.18 -12.42 -15.03
C ASP A 15 7.31 -13.54 -14.48
N LYS A 16 7.48 -14.75 -15.02
CA LYS A 16 6.68 -15.86 -14.52
C LYS A 16 6.99 -16.16 -13.05
N ASP A 17 8.13 -15.69 -12.54
CA ASP A 17 8.48 -15.84 -11.13
C ASP A 17 8.23 -14.56 -10.33
N ALA A 18 7.32 -13.71 -10.79
CA ALA A 18 7.01 -12.50 -10.05
C ALA A 18 6.53 -12.86 -8.64
N PRO A 19 6.83 -12.01 -7.65
CA PRO A 19 6.39 -12.31 -6.28
C PRO A 19 4.87 -12.25 -6.11
N ARG A 20 4.17 -11.46 -6.91
CA ARG A 20 2.70 -11.45 -6.85
C ARG A 20 2.15 -12.64 -7.62
N THR A 21 1.32 -13.45 -6.96
CA THR A 21 0.66 -14.56 -7.63
C THR A 21 -0.85 -14.37 -7.78
N TYR A 22 -1.46 -13.48 -7.00
CA TYR A 22 -2.89 -13.20 -7.10
C TYR A 22 -3.08 -11.82 -7.72
N PHE A 23 -3.81 -11.77 -8.83
CA PHE A 23 -4.13 -10.52 -9.51
C PHE A 23 -5.63 -10.27 -9.44
N ASP A 24 -6.05 -9.40 -8.53
CA ASP A 24 -7.46 -9.11 -8.35
C ASP A 24 -8.02 -8.44 -9.59
N GLU A 25 -9.09 -9.03 -10.15
CA GLU A 25 -9.65 -8.52 -11.39
C GLU A 25 -10.24 -7.13 -11.21
N GLU A 26 -11.01 -6.92 -10.14
CA GLU A 26 -11.66 -5.63 -9.95
C GLU A 26 -10.63 -4.51 -9.80
N LYS A 27 -9.58 -4.76 -9.01
CA LYS A 27 -8.58 -3.71 -8.82
C LYS A 27 -7.80 -3.45 -10.10
N LEU A 28 -7.57 -4.48 -10.91
CA LEU A 28 -6.96 -4.25 -12.22
C LEU A 28 -7.83 -3.39 -13.10
N LYS A 29 -9.13 -3.64 -13.07
CA LYS A 29 -10.02 -2.71 -13.74
C LYS A 29 -10.01 -1.29 -13.19
N GLU A 30 -9.94 -1.12 -11.87
CA GLU A 30 -9.79 0.26 -11.36
C GLU A 30 -8.51 0.89 -11.88
N LEU A 31 -7.39 0.16 -11.86
CA LEU A 31 -6.13 0.70 -12.39
C LEU A 31 -6.25 1.12 -13.85
N SER A 32 -6.89 0.29 -14.67
CA SER A 32 -7.03 0.63 -16.08
C SER A 32 -7.85 1.90 -16.27
N GLU A 33 -8.93 2.05 -15.50
CA GLU A 33 -9.72 3.28 -15.59
C GLU A 33 -8.87 4.50 -15.22
N SER A 34 -8.00 4.36 -14.22
CA SER A 34 -7.16 5.49 -13.85
C SER A 34 -6.15 5.81 -14.95
N ILE A 35 -5.70 4.79 -15.68
CA ILE A 35 -4.77 5.01 -16.79
C ILE A 35 -5.49 5.69 -17.97
N LYS A 36 -6.75 5.33 -18.23
CA LYS A 36 -7.50 6.05 -19.25
C LYS A 36 -7.56 7.54 -18.94
N ALA A 37 -7.67 7.90 -17.66
CA ALA A 37 -7.79 9.31 -17.29
C ALA A 37 -6.44 10.01 -17.20
N GLN A 38 -5.42 9.34 -16.68
CA GLN A 38 -4.18 9.99 -16.29
C GLN A 38 -2.95 9.51 -17.04
N GLY A 39 -3.06 8.44 -17.81
CA GLY A 39 -1.89 7.73 -18.29
C GLY A 39 -1.22 6.96 -17.16
N VAL A 40 -0.08 6.34 -17.50
CA VAL A 40 0.75 5.67 -16.51
C VAL A 40 1.68 6.70 -15.88
N LEU A 41 1.51 6.93 -14.58
CA LEU A 41 2.26 7.97 -13.86
C LEU A 41 3.69 7.56 -13.56
N GLN A 42 3.89 6.29 -13.21
CA GLN A 42 5.19 5.79 -12.78
CA GLN A 42 5.20 5.81 -12.80
C GLN A 42 5.69 4.75 -13.78
N PRO A 43 6.86 4.95 -14.39
CA PRO A 43 7.38 3.98 -15.36
C PRO A 43 7.55 2.62 -14.72
N ILE A 44 7.27 1.58 -15.49
CA ILE A 44 7.57 0.23 -15.06
C ILE A 44 9.07 -0.02 -15.20
N LEU A 45 9.57 -0.96 -14.40
CA LEU A 45 10.98 -1.35 -14.45
C LEU A 45 11.08 -2.66 -15.23
N VAL A 46 12.00 -2.72 -16.20
CA VAL A 46 12.17 -3.92 -17.02
C VAL A 46 13.66 -4.21 -17.16
N ARG A 47 13.96 -5.44 -17.60
CA ARG A 47 15.31 -5.81 -17.97
C ARG A 47 15.28 -6.51 -19.32
N LYS A 48 16.34 -6.33 -20.09
CA LYS A 48 16.37 -6.98 -21.40
C LYS A 48 16.29 -8.49 -21.20
N ASP A 49 15.48 -9.15 -22.01
CA ASP A 49 15.23 -10.58 -21.81
C ASP A 49 14.75 -11.18 -23.12
N GLY A 50 15.43 -12.21 -23.58
CA GLY A 50 15.12 -12.75 -24.90
C GLY A 50 15.35 -11.68 -25.94
N ASP A 51 14.38 -11.52 -26.83
CA ASP A 51 14.42 -10.46 -27.83
C ASP A 51 13.65 -9.22 -27.39
N GLY A 52 13.11 -9.21 -26.18
CA GLY A 52 12.41 -8.05 -25.67
C GLY A 52 12.82 -7.72 -24.25
N TYR A 53 11.83 -7.56 -23.37
CA TYR A 53 12.04 -7.09 -22.01
C TYR A 53 11.18 -7.91 -21.06
N ARG A 54 11.74 -8.26 -19.90
CA ARG A 54 11.01 -8.90 -18.82
CA ARG A 54 11.01 -8.91 -18.83
C ARG A 54 10.71 -7.89 -17.73
N ILE A 55 9.49 -7.92 -17.22
CA ILE A 55 9.11 -6.97 -16.16
C ILE A 55 9.84 -7.29 -14.88
N ILE A 56 10.43 -6.27 -14.28
CA ILE A 56 10.96 -6.30 -12.93
C ILE A 56 9.90 -5.89 -11.93
N ALA A 57 9.34 -4.70 -12.14
CA ALA A 57 8.26 -4.21 -11.30
C ALA A 57 7.30 -3.46 -12.19
N GLY A 58 6.01 -3.79 -12.10
CA GLY A 58 5.00 -3.08 -12.86
C GLY A 58 4.08 -3.93 -13.71
N GLU A 59 3.87 -5.20 -13.34
CA GLU A 59 3.01 -6.03 -14.17
C GLU A 59 1.56 -5.54 -14.18
N ARG A 60 1.06 -5.04 -13.05
CA ARG A 60 -0.33 -4.57 -13.05
C ARG A 60 -0.48 -3.38 -13.99
N ARG A 61 0.48 -2.46 -13.96
CA ARG A 61 0.46 -1.33 -14.89
C ARG A 61 0.49 -1.80 -16.34
N TRP A 62 1.30 -2.83 -16.62
CA TRP A 62 1.39 -3.34 -17.98
C TRP A 62 0.08 -4.01 -18.40
N ARG A 63 -0.49 -4.86 -17.52
CA ARG A 63 -1.78 -5.49 -17.81
C ARG A 63 -2.87 -4.44 -18.00
N ALA A 64 -2.93 -3.46 -17.09
CA ALA A 64 -3.99 -2.48 -17.14
C ALA A 64 -3.84 -1.56 -18.35
N SER A 65 -2.59 -1.28 -18.76
CA SER A 65 -2.36 -0.53 -19.98
C SER A 65 -2.89 -1.28 -21.20
N GLN A 66 -2.65 -2.60 -21.27
CA GLN A 66 -3.22 -3.40 -22.33
C GLN A 66 -4.75 -3.26 -22.36
N ALA A 67 -5.38 -3.40 -21.20
CA ALA A 67 -6.83 -3.33 -21.13
C ALA A 67 -7.36 -1.96 -21.52
N ALA A 68 -6.58 -0.91 -21.27
CA ALA A 68 -6.98 0.44 -21.64
C ALA A 68 -6.71 0.76 -23.10
N GLY A 69 -6.21 -0.19 -23.88
CA GLY A 69 -5.95 0.04 -25.29
C GLY A 69 -4.68 0.78 -25.61
N LEU A 70 -3.79 0.96 -24.63
CA LEU A 70 -2.50 1.59 -24.91
C LEU A 70 -1.61 0.65 -25.71
N LYS A 71 -0.74 1.23 -26.53
CA LYS A 71 0.19 0.49 -27.36
C LYS A 71 1.63 0.58 -26.86
N GLU A 72 1.90 1.44 -25.88
CA GLU A 72 3.23 1.62 -25.34
C GLU A 72 3.09 1.96 -23.87
N VAL A 73 4.18 1.78 -23.14
CA VAL A 73 4.19 1.99 -21.69
C VAL A 73 5.50 2.66 -21.28
N PRO A 74 5.46 3.65 -20.40
CA PRO A 74 6.72 4.24 -19.91
C PRO A 74 7.50 3.21 -19.12
N ALA A 75 8.82 3.16 -19.34
CA ALA A 75 9.63 2.12 -18.72
C ALA A 75 11.03 2.62 -18.47
N ILE A 76 11.69 1.99 -17.50
CA ILE A 76 13.09 2.19 -17.20
C ILE A 76 13.78 0.84 -17.37
N VAL A 77 14.80 0.78 -18.23
CA VAL A 77 15.54 -0.46 -18.45
C VAL A 77 16.69 -0.54 -17.46
N ARG A 78 16.70 -1.59 -16.66
CA ARG A 78 17.73 -1.80 -15.65
C ARG A 78 18.62 -2.95 -16.09
N ASP A 79 19.93 -2.76 -15.99
CA ASP A 79 20.89 -3.84 -16.24
C ASP A 79 21.28 -4.39 -14.89
N VAL A 80 20.56 -5.43 -14.44
CA VAL A 80 20.72 -5.99 -13.11
C VAL A 80 20.75 -7.50 -13.18
N THR A 81 21.31 -8.09 -12.12
CA THR A 81 21.26 -9.53 -11.93
C THR A 81 19.83 -9.99 -11.66
N GLU A 82 19.63 -11.30 -11.78
CA GLU A 82 18.36 -11.90 -11.41
CA GLU A 82 18.35 -11.89 -11.41
C GLU A 82 18.04 -11.64 -9.94
N VAL A 83 19.04 -11.80 -9.06
CA VAL A 83 18.79 -11.61 -7.64
C VAL A 83 18.44 -10.15 -7.36
N GLN A 84 19.20 -9.21 -7.94
CA GLN A 84 18.83 -7.81 -7.67
C GLN A 84 17.50 -7.45 -8.31
N ALA A 85 17.17 -8.02 -9.48
CA ALA A 85 15.85 -7.75 -10.05
C ALA A 85 14.75 -8.22 -9.09
N PHE A 86 14.96 -9.36 -8.41
CA PHE A 86 13.94 -9.84 -7.48
C PHE A 86 13.91 -8.98 -6.22
N GLU A 87 15.08 -8.56 -5.73
CA GLU A 87 15.11 -7.58 -4.64
C GLU A 87 14.28 -6.34 -4.99
N LEU A 88 14.45 -5.84 -6.21
CA LEU A 88 13.74 -4.63 -6.64
C LEU A 88 12.24 -4.87 -6.70
N ALA A 89 11.84 -6.04 -7.22
CA ALA A 89 10.42 -6.37 -7.26
C ALA A 89 9.80 -6.33 -5.87
N LEU A 90 10.50 -6.88 -4.87
CA LEU A 90 10.00 -6.84 -3.51
C LEU A 90 9.97 -5.42 -2.96
N VAL A 91 11.07 -4.68 -3.14
CA VAL A 91 11.17 -3.33 -2.59
C VAL A 91 10.05 -2.46 -3.14
N GLU A 92 9.79 -2.56 -4.45
CA GLU A 92 8.78 -1.69 -5.07
C GLU A 92 7.43 -1.84 -4.39
N ASN A 93 7.06 -3.08 -4.05
CA ASN A 93 5.76 -3.32 -3.44
C ASN A 93 5.76 -3.16 -1.93
N LEU A 94 6.86 -3.48 -1.26
CA LEU A 94 6.86 -3.51 0.19
C LEU A 94 7.12 -2.16 0.83
N GLN A 95 7.81 -1.26 0.12
CA GLN A 95 8.24 0.01 0.71
C GLN A 95 7.26 1.11 0.30
N ARG A 96 6.03 1.01 0.82
CA ARG A 96 4.97 1.95 0.49
C ARG A 96 4.10 2.16 1.73
N ALA A 97 3.45 3.33 1.80
CA ALA A 97 2.48 3.61 2.86
C ALA A 97 1.25 4.24 2.22
N ASP A 98 0.08 3.63 2.44
CA ASP A 98 -1.14 4.13 1.86
C ASP A 98 -1.65 5.36 2.60
N LEU A 99 -2.45 6.15 1.89
CA LEU A 99 -3.24 7.19 2.55
C LEU A 99 -4.23 6.51 3.48
N ASN A 100 -4.44 7.09 4.66
CA ASN A 100 -5.47 6.52 5.53
C ASN A 100 -6.84 6.95 5.03
N PRO A 101 -7.91 6.36 5.56
CA PRO A 101 -9.25 6.64 5.00
C PRO A 101 -9.65 8.10 5.07
N ILE A 102 -9.20 8.83 6.09
CA ILE A 102 -9.59 10.24 6.18
C ILE A 102 -8.81 11.07 5.17
N GLU A 103 -7.52 10.76 4.99
CA GLU A 103 -6.72 11.44 3.97
C GLU A 103 -7.32 11.24 2.58
N GLU A 104 -7.74 10.01 2.27
CA GLU A 104 -8.40 9.75 0.99
C GLU A 104 -9.66 10.58 0.86
N ALA A 105 -10.51 10.55 1.89
CA ALA A 105 -11.76 11.29 1.85
C ALA A 105 -11.51 12.79 1.69
N GLU A 106 -10.55 13.34 2.42
CA GLU A 106 -10.26 14.76 2.30
C GLU A 106 -9.75 15.10 0.91
N GLY A 107 -9.04 14.17 0.27
CA GLY A 107 -8.62 14.39 -1.11
C GLY A 107 -9.79 14.52 -2.06
N TYR A 108 -10.76 13.61 -1.96
CA TYR A 108 -11.97 13.73 -2.75
C TYR A 108 -12.70 15.03 -2.44
N LYS A 109 -12.76 15.40 -1.16
CA LYS A 109 -13.46 16.61 -0.74
C LYS A 109 -12.83 17.85 -1.39
N ARG A 110 -11.51 17.88 -1.48
CA ARG A 110 -10.86 19.02 -2.12
C ARG A 110 -11.20 19.08 -3.61
N LEU A 111 -11.21 17.93 -4.28
CA LEU A 111 -11.64 17.91 -5.68
C LEU A 111 -13.07 18.44 -5.82
N VAL A 112 -13.94 18.10 -4.88
CA VAL A 112 -15.33 18.55 -4.99
C VAL A 112 -15.45 20.02 -4.63
N ASP A 113 -14.90 20.44 -3.48
CA ASP A 113 -15.10 21.80 -3.02
C ASP A 113 -14.25 22.82 -3.78
N GLU A 114 -12.93 22.63 -3.77
CA GLU A 114 -12.04 23.63 -4.36
C GLU A 114 -12.06 23.57 -5.88
N PHE A 115 -12.00 22.37 -6.45
CA PHE A 115 -11.91 22.22 -7.90
C PHE A 115 -13.26 21.95 -8.56
N LYS A 116 -14.35 21.92 -7.77
CA LYS A 116 -15.71 21.98 -8.31
C LYS A 116 -16.07 20.77 -9.18
N LEU A 117 -15.57 19.60 -8.80
CA LEU A 117 -15.93 18.38 -9.49
C LEU A 117 -17.13 17.72 -8.79
N THR A 118 -17.98 17.06 -9.58
CA THR A 118 -19.00 16.19 -9.00
C THR A 118 -18.37 14.88 -8.55
N GLN A 119 -19.09 14.13 -7.71
CA GLN A 119 -18.58 12.82 -7.30
C GLN A 119 -18.35 11.92 -8.51
N GLU A 120 -19.27 11.93 -9.47
CA GLU A 120 -19.06 11.16 -10.70
C GLU A 120 -17.78 11.56 -11.40
N GLN A 121 -17.55 12.88 -11.53
CA GLN A 121 -16.34 13.34 -12.18
C GLN A 121 -15.09 12.91 -11.41
N VAL A 122 -15.14 12.95 -10.08
CA VAL A 122 -14.01 12.46 -9.29
C VAL A 122 -13.77 10.99 -9.59
N SER A 123 -14.83 10.19 -9.61
CA SER A 123 -14.70 8.76 -9.89
CA SER A 123 -14.69 8.77 -9.89
CA SER A 123 -14.68 8.77 -9.88
C SER A 123 -13.97 8.52 -11.21
N VAL A 124 -14.30 9.31 -12.23
CA VAL A 124 -13.66 9.14 -13.54
C VAL A 124 -12.20 9.52 -13.47
N ARG A 125 -11.88 10.66 -12.84
CA ARG A 125 -10.50 11.13 -12.84
C ARG A 125 -9.58 10.23 -12.02
N VAL A 126 -10.07 9.64 -10.93
CA VAL A 126 -9.20 8.84 -10.07
C VAL A 126 -9.32 7.34 -10.33
N GLY A 127 -10.27 6.91 -11.15
CA GLY A 127 -10.44 5.49 -11.42
C GLY A 127 -11.06 4.68 -10.30
N LYS A 128 -11.93 5.29 -9.50
CA LYS A 128 -12.59 4.59 -8.40
C LYS A 128 -14.09 4.57 -8.66
N GLU A 129 -14.78 3.56 -8.12
CA GLU A 129 -16.23 3.56 -8.22
CA GLU A 129 -16.23 3.56 -8.20
C GLU A 129 -16.81 4.78 -7.50
N ARG A 130 -17.88 5.34 -8.07
CA ARG A 130 -18.46 6.52 -7.45
C ARG A 130 -18.90 6.23 -6.02
N SER A 131 -19.39 5.02 -5.77
CA SER A 131 -19.83 4.70 -4.41
C SER A 131 -18.66 4.74 -3.44
N THR A 132 -17.46 4.41 -3.90
CA THR A 132 -16.28 4.54 -3.04
C THR A 132 -16.03 6.00 -2.68
N VAL A 133 -16.17 6.89 -3.66
CA VAL A 133 -16.01 8.31 -3.39
C VAL A 133 -17.09 8.78 -2.44
N ALA A 134 -18.34 8.39 -2.70
CA ALA A 134 -19.46 8.85 -1.89
C ALA A 134 -19.32 8.41 -0.44
N ASN A 135 -18.95 7.14 -0.21
CA ASN A 135 -18.87 6.66 1.16
C ASN A 135 -17.68 7.27 1.89
N ALA A 136 -16.57 7.52 1.18
CA ALA A 136 -15.44 8.20 1.80
C ALA A 136 -15.83 9.59 2.28
N LEU A 137 -16.55 10.35 1.44
CA LEU A 137 -16.95 11.70 1.82
C LEU A 137 -17.85 11.68 3.05
N ARG A 138 -18.69 10.65 3.19
CA ARG A 138 -19.58 10.59 4.34
C ARG A 138 -18.82 10.50 5.65
N LEU A 139 -17.60 9.98 5.62
CA LEU A 139 -16.81 9.87 6.85
C LEU A 139 -16.51 11.23 7.44
N LEU A 140 -16.41 12.27 6.60
CA LEU A 140 -15.96 13.56 7.10
C LEU A 140 -16.97 14.24 8.01
N ALA A 141 -18.19 13.71 8.09
CA ALA A 141 -19.19 14.24 9.02
C ALA A 141 -18.95 13.78 10.44
N LEU A 142 -18.03 12.84 10.65
CA LEU A 142 -17.75 12.36 11.99
C LEU A 142 -17.04 13.42 12.80
N PRO A 143 -17.19 13.38 14.13
CA PRO A 143 -16.44 14.33 14.99
C PRO A 143 -14.94 14.17 14.79
N THR A 144 -14.20 15.25 15.10
CA THR A 144 -12.76 15.25 14.87
C THR A 144 -12.09 14.07 15.55
N ASP A 145 -12.43 13.81 16.81
CA ASP A 145 -11.78 12.73 17.54
C ASP A 145 -12.12 11.37 16.94
N VAL A 146 -13.36 11.20 16.47
CA VAL A 146 -13.74 9.94 15.85
C VAL A 146 -13.01 9.76 14.52
N LYS A 147 -12.92 10.82 13.71
CA LYS A 147 -12.17 10.72 12.47
C LYS A 147 -10.71 10.37 12.75
N GLY A 148 -10.16 10.88 13.85
CA GLY A 148 -8.80 10.50 14.21
C GLY A 148 -8.65 9.01 14.46
N MET A 149 -9.68 8.38 15.03
CA MET A 149 -9.63 6.95 15.28
C MET A 149 -9.69 6.16 13.98
N VAL A 150 -10.50 6.63 13.01
CA VAL A 150 -10.50 6.00 11.69
C VAL A 150 -9.14 6.17 11.03
N ALA A 151 -8.53 7.35 11.19
CA ALA A 151 -7.25 7.61 10.54
C ALA A 151 -6.16 6.69 11.05
N ASP A 152 -6.08 6.50 12.38
CA ASP A 152 -5.02 5.67 12.95
C ASP A 152 -5.40 4.19 13.00
N GLY A 153 -6.52 3.81 12.40
CA GLY A 153 -6.89 2.42 12.29
C GLY A 153 -7.53 1.80 13.53
N SER A 154 -7.73 2.57 14.60
CA SER A 154 -8.38 2.02 15.78
C SER A 154 -9.86 1.77 15.56
N LEU A 155 -10.45 2.38 14.52
CA LEU A 155 -11.84 2.17 14.15
C LEU A 155 -11.88 1.82 12.67
N SER A 156 -12.54 0.73 12.31
CA SER A 156 -12.59 0.44 10.89
C SER A 156 -13.59 1.36 10.21
N MET A 157 -13.56 1.34 8.88
CA MET A 157 -14.56 2.06 8.11
C MET A 157 -15.95 1.49 8.36
N GLY A 158 -16.04 0.19 8.66
CA GLY A 158 -17.32 -0.40 9.00
C GLY A 158 -17.84 0.10 10.34
N HIS A 159 -16.97 0.12 11.36
CA HIS A 159 -17.35 0.75 12.61
C HIS A 159 -17.80 2.19 12.39
N ALA A 160 -17.02 2.95 11.62
CA ALA A 160 -17.35 4.35 11.38
C ALA A 160 -18.69 4.48 10.65
N ARG A 161 -18.94 3.62 9.66
CA ARG A 161 -20.21 3.68 8.95
C ARG A 161 -21.38 3.45 9.90
N ALA A 162 -21.25 2.49 10.81
CA ALA A 162 -22.32 2.21 11.76
C ALA A 162 -22.53 3.39 12.71
N LEU A 163 -21.44 4.02 13.16
CA LEU A 163 -21.56 5.13 14.09
C LEU A 163 -22.17 6.36 13.44
N LEU A 164 -22.12 6.46 12.11
CA LEU A 164 -22.74 7.60 11.43
C LEU A 164 -24.24 7.66 11.67
N GLY A 165 -24.84 6.55 12.13
CA GLY A 165 -26.27 6.55 12.41
C GLY A 165 -26.66 7.29 13.67
N VAL A 166 -25.72 7.53 14.57
CA VAL A 166 -26.06 8.18 15.84
C VAL A 166 -26.48 9.62 15.58
N PRO A 167 -27.64 10.04 16.07
CA PRO A 167 -28.07 11.44 15.84
C PRO A 167 -27.24 12.46 16.60
N ARG A 168 -26.94 12.19 17.87
CA ARG A 168 -26.27 13.16 18.73
C ARG A 168 -24.76 12.99 18.66
N LEU A 169 -24.06 14.08 18.36
CA LEU A 169 -22.60 14.02 18.30
C LEU A 169 -21.98 13.59 19.62
N PRO A 170 -22.44 14.08 20.79
CA PRO A 170 -21.88 13.55 22.04
C PRO A 170 -22.05 12.04 22.19
N GLU A 171 -23.27 11.52 21.99
CA GLU A 171 -23.46 10.08 21.96
C GLU A 171 -22.52 9.39 20.99
N LEU A 172 -22.41 9.91 19.77
CA LEU A 172 -21.52 9.29 18.81
C LEU A 172 -20.12 9.14 19.41
N GLN A 173 -19.60 10.26 19.92
CA GLN A 173 -18.30 10.26 20.60
C GLN A 173 -18.27 9.27 21.76
N ASN A 174 -19.34 9.21 22.55
CA ASN A 174 -19.36 8.27 23.67
C ASN A 174 -19.36 6.82 23.18
N LEU A 175 -20.21 6.50 22.20
CA LEU A 175 -20.27 5.14 21.70
C LEU A 175 -18.97 4.73 21.00
N ALA A 176 -18.34 5.67 20.28
CA ALA A 176 -17.08 5.37 19.61
C ALA A 176 -16.00 5.02 20.63
N LYS A 177 -15.99 5.71 21.77
CA LYS A 177 -15.02 5.39 22.82
C LYS A 177 -15.23 3.97 23.33
N GLN A 178 -16.49 3.62 23.65
CA GLN A 178 -16.79 2.26 24.08
C GLN A 178 -16.37 1.24 23.03
N VAL A 179 -16.63 1.54 21.76
CA VAL A 179 -16.43 0.58 20.68
C VAL A 179 -14.94 0.27 20.51
N ALA A 180 -14.16 1.27 20.10
CA ALA A 180 -12.75 1.04 19.83
C ALA A 180 -12.01 0.53 21.05
N ASP A 181 -12.41 0.95 22.25
CA ASP A 181 -11.71 0.51 23.47
C ASP A 181 -11.68 -1.01 23.56
N LYS A 182 -12.83 -1.65 23.38
CA LYS A 182 -12.97 -3.09 23.62
C LYS A 182 -12.75 -3.92 22.36
N LYS A 183 -12.22 -3.32 21.28
CA LYS A 183 -12.19 -4.00 19.98
C LYS A 183 -13.56 -4.60 19.70
N LEU A 184 -14.60 -3.82 19.99
CA LEU A 184 -15.97 -4.30 19.93
C LEU A 184 -16.37 -4.51 18.48
N SER A 185 -17.15 -5.54 18.20
CA SER A 185 -17.38 -5.92 16.81
C SER A 185 -18.27 -4.90 16.10
N VAL A 186 -18.16 -4.88 14.77
CA VAL A 186 -19.05 -4.04 13.97
C VAL A 186 -20.51 -4.38 14.27
N ARG A 187 -20.82 -5.67 14.32
CA ARG A 187 -22.19 -6.09 14.66
C ARG A 187 -22.59 -5.57 16.03
N ASP A 188 -21.71 -5.73 17.03
CA ASP A 188 -22.01 -5.23 18.36
C ASP A 188 -22.09 -3.71 18.37
N THR A 189 -21.30 -3.04 17.53
CA THR A 189 -21.42 -1.59 17.41
C THR A 189 -22.78 -1.21 16.84
N GLU A 190 -23.23 -1.90 15.80
CA GLU A 190 -24.55 -1.62 15.24
C GLU A 190 -25.64 -1.82 16.28
N ARG A 191 -25.53 -2.88 17.09
CA ARG A 191 -26.50 -3.09 18.16
C ARG A 191 -26.46 -1.94 19.17
N LEU A 192 -25.26 -1.52 19.56
CA LEU A 192 -25.12 -0.42 20.51
C LEU A 192 -25.78 0.85 19.97
N VAL A 193 -25.57 1.16 18.69
CA VAL A 193 -26.20 2.33 18.09
C VAL A 193 -27.71 2.24 18.20
N GLN A 194 -28.26 1.05 17.94
CA GLN A 194 -29.70 0.84 18.07
C GLN A 194 -30.16 1.08 19.51
N GLN A 195 -29.45 0.46 20.46
CA GLN A 195 -29.75 0.62 21.88
C GLN A 195 -29.74 2.09 22.30
N SER A 196 -28.83 2.87 21.71
CA SER A 196 -28.75 4.30 22.05
C SER A 196 -30.00 5.05 21.60
N ARG A 197 -30.51 4.73 20.41
CA ARG A 197 -31.70 5.40 19.89
C ARG A 197 -32.92 4.49 19.98
N VAL B 4 15.77 8.98 -16.12
CA VAL B 4 17.09 8.94 -15.48
C VAL B 4 17.43 10.34 -14.96
N LEU B 5 16.57 11.31 -15.26
CA LEU B 5 16.76 12.67 -14.76
C LEU B 5 16.92 12.70 -13.25
N LYS B 6 18.01 13.30 -12.80
CA LYS B 6 18.30 13.44 -11.38
C LYS B 6 18.21 14.92 -11.03
N LEU B 7 17.40 15.24 -10.03
CA LEU B 7 17.32 16.64 -9.63
C LEU B 7 18.02 16.84 -8.29
N PRO B 8 18.74 17.95 -8.11
CA PRO B 8 19.34 18.24 -6.81
C PRO B 8 18.28 18.21 -5.73
N ILE B 9 18.59 17.54 -4.62
CA ILE B 9 17.56 17.30 -3.62
C ILE B 9 17.13 18.62 -2.99
N GLU B 10 18.02 19.63 -2.97
CA GLU B 10 17.68 20.93 -2.40
C GLU B 10 16.79 21.75 -3.32
N SER B 11 16.70 21.38 -4.60
CA SER B 11 15.86 22.14 -5.52
C SER B 11 14.41 21.71 -5.47
N ILE B 12 14.09 20.71 -4.64
CA ILE B 12 12.74 20.14 -4.53
C ILE B 12 12.16 20.54 -3.19
N HIS B 13 10.91 20.98 -3.17
CA HIS B 13 10.22 21.30 -1.94
C HIS B 13 8.82 20.70 -1.97
N ARG B 14 8.23 20.56 -0.79
CA ARG B 14 6.96 19.83 -0.69
C ARG B 14 5.80 20.69 -1.17
N ASP B 15 4.72 20.02 -1.56
CA ASP B 15 3.45 20.69 -1.81
C ASP B 15 2.76 20.89 -0.47
N LYS B 16 2.58 22.14 -0.05
CA LYS B 16 1.97 22.36 1.26
C LYS B 16 0.55 21.81 1.33
N ASP B 17 -0.10 21.62 0.18
CA ASP B 17 -1.45 21.08 0.13
C ASP B 17 -1.47 19.59 -0.26
N ALA B 18 -0.38 18.87 0.02
CA ALA B 18 -0.33 17.46 -0.36
C ALA B 18 -1.44 16.69 0.36
N PRO B 19 -1.94 15.62 -0.25
CA PRO B 19 -3.00 14.85 0.40
C PRO B 19 -2.56 14.16 1.68
N ARG B 20 -1.29 13.80 1.82
CA ARG B 20 -0.83 13.10 3.01
C ARG B 20 -0.44 14.08 4.11
N THR B 21 -1.02 13.89 5.29
CA THR B 21 -0.70 14.68 6.47
C THR B 21 0.11 13.91 7.51
N TYR B 22 -0.02 12.59 7.53
CA TYR B 22 0.64 11.74 8.52
C TYR B 22 1.84 11.04 7.90
N PHE B 23 3.01 11.17 8.53
CA PHE B 23 4.25 10.52 8.08
CA PHE B 23 4.24 10.52 8.08
C PHE B 23 4.79 9.66 9.22
N ASP B 24 4.55 8.36 9.14
CA ASP B 24 5.04 7.39 10.12
C ASP B 24 6.57 7.33 10.05
N GLU B 25 7.23 7.56 11.19
CA GLU B 25 8.69 7.66 11.19
C GLU B 25 9.37 6.30 11.08
N GLU B 26 8.76 5.25 11.65
CA GLU B 26 9.30 3.91 11.49
C GLU B 26 9.29 3.49 10.02
N LYS B 27 8.19 3.74 9.33
CA LYS B 27 8.11 3.37 7.92
C LYS B 27 9.03 4.24 7.05
N LEU B 28 9.21 5.52 7.41
CA LEU B 28 10.16 6.34 6.66
C LEU B 28 11.59 5.82 6.82
N LYS B 29 11.93 5.34 8.01
CA LYS B 29 13.27 4.78 8.21
C LYS B 29 13.48 3.55 7.35
N GLU B 30 12.48 2.67 7.28
CA GLU B 30 12.56 1.51 6.39
C GLU B 30 12.73 1.94 4.94
N LEU B 31 11.94 2.93 4.51
CA LEU B 31 12.10 3.43 3.14
C LEU B 31 13.52 3.91 2.90
N SER B 32 14.08 4.65 3.86
CA SER B 32 15.44 5.15 3.73
C SER B 32 16.45 3.99 3.65
N GLU B 33 16.26 2.96 4.48
CA GLU B 33 17.17 1.82 4.40
C GLU B 33 17.10 1.16 3.03
N SER B 34 15.90 1.08 2.43
CA SER B 34 15.79 0.49 1.10
C SER B 34 16.46 1.37 0.06
N ILE B 35 16.45 2.69 0.24
CA ILE B 35 17.12 3.56 -0.71
C ILE B 35 18.64 3.45 -0.57
N LYS B 36 19.14 3.25 0.65
CA LYS B 36 20.58 3.02 0.80
C LYS B 36 21.03 1.82 0.00
N ALA B 37 20.19 0.79 -0.09
CA ALA B 37 20.56 -0.46 -0.75
C ALA B 37 20.29 -0.43 -2.25
N GLN B 38 19.19 0.19 -2.67
CA GLN B 38 18.72 0.10 -4.05
C GLN B 38 18.64 1.42 -4.79
N GLY B 39 18.82 2.55 -4.10
CA GLY B 39 18.45 3.83 -4.70
C GLY B 39 16.94 3.97 -4.75
N VAL B 40 16.50 5.04 -5.40
CA VAL B 40 15.08 5.29 -5.65
C VAL B 40 14.69 4.62 -6.96
N LEU B 41 13.76 3.66 -6.89
CA LEU B 41 13.38 2.84 -8.04
C LEU B 41 12.41 3.56 -8.99
N GLN B 42 11.46 4.29 -8.37
CA GLN B 42 10.31 5.06 -8.85
C GLN B 42 10.63 6.54 -8.85
N PRO B 43 10.87 7.19 -9.99
CA PRO B 43 11.10 8.66 -9.97
C PRO B 43 9.93 9.38 -9.32
N ILE B 44 10.25 10.42 -8.56
CA ILE B 44 9.20 11.28 -8.02
C ILE B 44 8.66 12.17 -9.13
N LEU B 45 7.42 12.60 -8.98
CA LEU B 45 6.79 13.49 -9.93
C LEU B 45 6.84 14.90 -9.35
N VAL B 46 7.33 15.86 -10.14
CA VAL B 46 7.44 17.24 -9.66
C VAL B 46 6.92 18.20 -10.72
N ARG B 47 6.69 19.44 -10.27
CA ARG B 47 6.33 20.51 -11.16
CA ARG B 47 6.26 20.54 -11.10
C ARG B 47 7.19 21.72 -10.86
N LYS B 48 7.56 22.46 -11.90
CA LYS B 48 8.35 23.66 -11.71
C LYS B 48 7.60 24.63 -10.80
N ASP B 49 8.33 25.21 -9.84
CA ASP B 49 7.74 26.06 -8.82
C ASP B 49 8.82 26.98 -8.27
N GLY B 50 8.60 28.30 -8.34
CA GLY B 50 9.64 29.23 -7.95
C GLY B 50 10.88 29.00 -8.79
N ASP B 51 12.04 28.95 -8.14
CA ASP B 51 13.30 28.64 -8.80
C ASP B 51 13.62 27.14 -8.78
N GLY B 52 12.74 26.32 -8.24
CA GLY B 52 12.97 24.88 -8.18
C GLY B 52 11.75 24.08 -8.57
N TYR B 53 11.38 23.12 -7.74
CA TYR B 53 10.31 22.19 -8.06
C TYR B 53 9.49 21.87 -6.82
N ARG B 54 8.19 21.68 -7.05
CA ARG B 54 7.23 21.30 -6.02
C ARG B 54 6.82 19.86 -6.25
N ILE B 55 6.78 19.07 -5.18
CA ILE B 55 6.45 17.65 -5.34
C ILE B 55 4.99 17.48 -5.73
N ILE B 56 4.76 16.67 -6.75
CA ILE B 56 3.41 16.17 -7.06
C ILE B 56 3.15 14.85 -6.33
N ALA B 57 4.06 13.90 -6.49
CA ALA B 57 3.98 12.60 -5.86
C ALA B 57 5.40 12.17 -5.52
N GLY B 58 5.64 11.81 -4.26
CA GLY B 58 6.97 11.35 -3.88
C GLY B 58 7.59 12.03 -2.67
N GLU B 59 6.78 12.60 -1.77
CA GLU B 59 7.34 13.27 -0.61
C GLU B 59 8.04 12.29 0.33
N ARG B 60 7.52 11.07 0.49
CA ARG B 60 8.23 10.10 1.33
C ARG B 60 9.58 9.76 0.70
N ARG B 61 9.60 9.48 -0.60
CA ARG B 61 10.88 9.20 -1.27
C ARG B 61 11.86 10.35 -1.07
N TRP B 62 11.37 11.58 -1.16
CA TRP B 62 12.25 12.74 -1.05
C TRP B 62 12.81 12.86 0.38
N ARG B 63 11.94 12.77 1.39
CA ARG B 63 12.40 12.80 2.77
CA ARG B 63 12.40 12.80 2.77
C ARG B 63 13.34 11.65 3.07
N ALA B 64 13.00 10.44 2.61
CA ALA B 64 13.83 9.28 2.90
C ALA B 64 15.17 9.35 2.18
N SER B 65 15.18 9.96 0.98
CA SER B 65 16.45 10.17 0.28
C SER B 65 17.35 11.13 1.05
N GLN B 66 16.77 12.18 1.63
CA GLN B 66 17.55 13.08 2.49
C GLN B 66 18.16 12.30 3.64
N ALA B 67 17.35 11.48 4.32
CA ALA B 67 17.86 10.73 5.46
C ALA B 67 18.92 9.72 5.03
N ALA B 68 18.86 9.24 3.79
CA ALA B 68 19.84 8.28 3.31
C ALA B 68 21.13 8.94 2.83
N GLY B 69 21.18 10.27 2.78
CA GLY B 69 22.39 10.96 2.38
C GLY B 69 22.54 11.24 0.90
N LEU B 70 21.51 10.97 0.10
CA LEU B 70 21.58 11.25 -1.33
C LEU B 70 21.60 12.76 -1.55
N LYS B 71 22.34 13.19 -2.58
CA LYS B 71 22.31 14.60 -2.93
C LYS B 71 21.34 14.91 -4.06
N GLU B 72 20.75 13.87 -4.68
CA GLU B 72 19.88 14.05 -5.83
C GLU B 72 18.85 12.92 -5.82
N VAL B 73 17.74 13.15 -6.51
CA VAL B 73 16.67 12.15 -6.57
C VAL B 73 16.19 12.04 -8.01
N PRO B 74 15.90 10.85 -8.50
CA PRO B 74 15.34 10.74 -9.85
C PRO B 74 13.95 11.36 -9.87
N ALA B 75 13.65 12.07 -10.96
CA ALA B 75 12.40 12.81 -11.01
C ALA B 75 11.88 12.89 -12.43
N ILE B 76 10.57 13.07 -12.55
CA ILE B 76 9.90 13.36 -13.80
C ILE B 76 9.22 14.71 -13.62
N VAL B 77 9.54 15.66 -14.49
CA VAL B 77 8.92 16.98 -14.44
C VAL B 77 7.64 16.96 -15.26
N ARG B 78 6.52 17.30 -14.63
CA ARG B 78 5.22 17.35 -15.27
C ARG B 78 4.77 18.80 -15.40
N ASP B 79 4.29 19.17 -16.57
CA ASP B 79 3.73 20.50 -16.79
C ASP B 79 2.21 20.37 -16.70
N VAL B 80 1.66 20.62 -15.52
CA VAL B 80 0.25 20.37 -15.26
C VAL B 80 -0.34 21.54 -14.49
N THR B 81 -1.67 21.63 -14.53
CA THR B 81 -2.40 22.58 -13.69
C THR B 81 -2.45 22.09 -12.25
N GLU B 82 -2.95 22.96 -11.36
CA GLU B 82 -3.09 22.57 -9.96
CA GLU B 82 -3.09 22.58 -9.96
C GLU B 82 -4.07 21.43 -9.79
N VAL B 83 -5.22 21.49 -10.46
CA VAL B 83 -6.18 20.39 -10.32
C VAL B 83 -5.58 19.12 -10.89
N GLN B 84 -4.88 19.21 -12.02
CA GLN B 84 -4.26 18.02 -12.61
C GLN B 84 -3.21 17.43 -11.67
N ALA B 85 -2.38 18.29 -11.08
CA ALA B 85 -1.35 17.82 -10.15
C ALA B 85 -1.98 17.14 -8.94
N PHE B 86 -3.11 17.66 -8.46
CA PHE B 86 -3.72 17.04 -7.29
C PHE B 86 -4.33 15.70 -7.65
N GLU B 87 -4.95 15.60 -8.83
CA GLU B 87 -5.46 14.30 -9.28
C GLU B 87 -4.34 13.28 -9.38
N LEU B 88 -3.19 13.68 -9.92
CA LEU B 88 -2.06 12.76 -10.05
C LEU B 88 -1.57 12.30 -8.68
N ALA B 89 -1.53 13.22 -7.71
CA ALA B 89 -1.09 12.89 -6.36
C ALA B 89 -2.00 11.84 -5.74
N LEU B 90 -3.31 12.00 -5.90
CA LEU B 90 -4.25 11.01 -5.37
C LEU B 90 -4.09 9.67 -6.09
N VAL B 91 -4.05 9.69 -7.41
CA VAL B 91 -4.01 8.43 -8.15
C VAL B 91 -2.75 7.63 -7.82
N GLU B 92 -1.61 8.31 -7.65
CA GLU B 92 -0.36 7.60 -7.39
C GLU B 92 -0.47 6.76 -6.13
N ASN B 93 -1.17 7.28 -5.12
CA ASN B 93 -1.32 6.55 -3.87
C ASN B 93 -2.50 5.58 -3.88
N LEU B 94 -3.58 5.93 -4.55
CA LEU B 94 -4.79 5.13 -4.44
C LEU B 94 -4.81 3.92 -5.37
N GLN B 95 -4.05 3.93 -6.46
CA GLN B 95 -4.14 2.87 -7.45
C GLN B 95 -2.97 1.90 -7.28
N ARG B 96 -3.03 1.14 -6.18
CA ARG B 96 -1.98 0.19 -5.82
C ARG B 96 -2.59 -1.00 -5.10
N ALA B 97 -1.93 -2.15 -5.23
CA ALA B 97 -2.34 -3.38 -4.56
C ALA B 97 -1.12 -4.00 -3.92
N ASP B 98 -1.17 -4.21 -2.61
CA ASP B 98 -0.02 -4.74 -1.89
C ASP B 98 0.07 -6.26 -2.04
N LEU B 99 1.28 -6.77 -1.90
CA LEU B 99 1.47 -8.21 -1.73
C LEU B 99 0.83 -8.65 -0.42
N ASN B 100 0.21 -9.82 -0.41
CA ASN B 100 -0.34 -10.30 0.86
C ASN B 100 0.81 -10.86 1.70
N PRO B 101 0.58 -11.10 2.98
CA PRO B 101 1.70 -11.49 3.86
C PRO B 101 2.37 -12.78 3.47
N ILE B 102 1.66 -13.70 2.83
CA ILE B 102 2.29 -14.95 2.39
C ILE B 102 3.11 -14.71 1.13
N GLU B 103 2.60 -13.89 0.20
CA GLU B 103 3.40 -13.51 -0.96
C GLU B 103 4.69 -12.83 -0.51
N GLU B 104 4.61 -11.96 0.50
CA GLU B 104 5.81 -11.31 1.02
C GLU B 104 6.76 -12.35 1.60
N ALA B 105 6.25 -13.24 2.44
CA ALA B 105 7.11 -14.24 3.09
C ALA B 105 7.74 -15.16 2.05
N GLU B 106 6.98 -15.57 1.04
CA GLU B 106 7.55 -16.45 0.01
C GLU B 106 8.64 -15.72 -0.78
N GLY B 107 8.53 -14.39 -0.90
CA GLY B 107 9.60 -13.64 -1.52
C GLY B 107 10.89 -13.67 -0.72
N TYR B 108 10.80 -13.44 0.58
CA TYR B 108 11.98 -13.57 1.44
C TYR B 108 12.55 -14.98 1.33
N LYS B 109 11.68 -16.00 1.34
CA LYS B 109 12.14 -17.38 1.25
C LYS B 109 12.92 -17.62 -0.04
N ARG B 110 12.46 -17.04 -1.16
CA ARG B 110 13.17 -17.26 -2.41
C ARG B 110 14.55 -16.62 -2.37
N LEU B 111 14.65 -15.43 -1.79
CA LEU B 111 15.97 -14.81 -1.63
C LEU B 111 16.90 -15.71 -0.83
N VAL B 112 16.38 -16.38 0.20
CA VAL B 112 17.22 -17.23 1.04
C VAL B 112 17.54 -18.54 0.34
N ASP B 113 16.51 -19.27 -0.11
CA ASP B 113 16.74 -20.62 -0.62
C ASP B 113 17.34 -20.62 -2.02
N GLU B 114 16.78 -19.81 -2.92
CA GLU B 114 17.23 -19.86 -4.31
C GLU B 114 18.45 -18.98 -4.54
N PHE B 115 18.44 -17.76 -4.01
CA PHE B 115 19.55 -16.84 -4.24
C PHE B 115 20.59 -16.88 -3.13
N LYS B 116 20.40 -17.69 -2.10
CA LYS B 116 21.41 -17.99 -1.09
C LYS B 116 21.82 -16.75 -0.28
N LEU B 117 20.85 -15.89 0.00
CA LEU B 117 21.04 -14.78 0.92
C LEU B 117 20.79 -15.26 2.35
N THR B 118 21.47 -14.62 3.31
CA THR B 118 21.10 -14.79 4.70
C THR B 118 19.91 -13.89 5.02
N GLN B 119 19.23 -14.19 6.14
CA GLN B 119 18.13 -13.32 6.56
C GLN B 119 18.61 -11.90 6.79
N GLU B 120 19.81 -11.74 7.36
CA GLU B 120 20.35 -10.39 7.54
C GLU B 120 20.55 -9.69 6.21
N GLN B 121 21.03 -10.42 5.21
CA GLN B 121 21.20 -9.81 3.88
C GLN B 121 19.85 -9.44 3.29
N VAL B 122 18.84 -10.30 3.43
CA VAL B 122 17.50 -9.94 2.97
C VAL B 122 17.05 -8.64 3.63
N SER B 123 17.21 -8.55 4.96
CA SER B 123 16.86 -7.34 5.69
C SER B 123 17.52 -6.11 5.09
N VAL B 124 18.82 -6.19 4.83
CA VAL B 124 19.56 -5.03 4.33
C VAL B 124 19.12 -4.67 2.93
N ARG B 125 18.96 -5.67 2.06
CA ARG B 125 18.71 -5.41 0.64
CA ARG B 125 18.73 -5.34 0.66
C ARG B 125 17.30 -4.92 0.38
N VAL B 126 16.32 -5.37 1.18
CA VAL B 126 14.95 -4.91 0.98
C VAL B 126 14.56 -3.80 1.96
N GLY B 127 15.41 -3.48 2.92
CA GLY B 127 15.14 -2.39 3.84
C GLY B 127 14.11 -2.70 4.90
N LYS B 128 14.01 -3.96 5.31
CA LYS B 128 13.04 -4.37 6.31
C LYS B 128 13.77 -4.78 7.59
N GLU B 129 13.12 -4.52 8.73
CA GLU B 129 13.74 -4.83 10.01
C GLU B 129 14.05 -6.32 10.11
N ARG B 130 15.12 -6.64 10.84
CA ARG B 130 15.52 -8.04 10.99
C ARG B 130 14.33 -8.91 11.37
N SER B 131 13.53 -8.44 12.32
CA SER B 131 12.46 -9.23 12.90
C SER B 131 11.29 -9.43 11.94
N THR B 132 10.97 -8.41 11.13
CA THR B 132 9.93 -8.55 10.12
C THR B 132 10.24 -9.73 9.20
N VAL B 133 11.47 -9.81 8.71
CA VAL B 133 11.86 -10.91 7.84
C VAL B 133 11.74 -12.25 8.56
N ALA B 134 12.28 -12.32 9.77
CA ALA B 134 12.25 -13.58 10.53
C ALA B 134 10.81 -14.01 10.80
N ASN B 135 9.96 -13.07 11.22
CA ASN B 135 8.57 -13.43 11.54
C ASN B 135 7.82 -13.87 10.29
N ALA B 136 8.04 -13.20 9.16
CA ALA B 136 7.37 -13.59 7.92
C ALA B 136 7.78 -14.99 7.51
N LEU B 137 9.07 -15.29 7.56
CA LEU B 137 9.54 -16.62 7.18
C LEU B 137 8.94 -17.70 8.07
N ARG B 138 8.74 -17.38 9.36
CA ARG B 138 8.16 -18.38 10.26
C ARG B 138 6.73 -18.72 9.89
N LEU B 139 6.02 -17.79 9.25
CA LEU B 139 4.63 -18.06 8.83
C LEU B 139 4.56 -19.25 7.89
N LEU B 140 5.60 -19.48 7.09
CA LEU B 140 5.55 -20.50 6.07
C LEU B 140 5.52 -21.91 6.65
N ALA B 141 5.81 -22.07 7.94
CA ALA B 141 5.68 -23.36 8.59
C ALA B 141 4.24 -23.69 8.95
N LEU B 142 3.34 -22.73 8.82
CA LEU B 142 1.94 -22.95 9.15
C LEU B 142 1.30 -23.93 8.17
N PRO B 143 0.27 -24.65 8.59
CA PRO B 143 -0.44 -25.53 7.65
C PRO B 143 -1.10 -24.73 6.54
N THR B 144 -1.39 -25.41 5.44
CA THR B 144 -1.85 -24.73 4.22
C THR B 144 -3.13 -23.94 4.46
N ASP B 145 -4.10 -24.53 5.16
CA ASP B 145 -5.36 -23.82 5.37
C ASP B 145 -5.16 -22.59 6.26
N VAL B 146 -4.28 -22.70 7.26
CA VAL B 146 -4.02 -21.55 8.12
C VAL B 146 -3.25 -20.47 7.38
N LYS B 147 -2.33 -20.87 6.49
CA LYS B 147 -1.60 -19.89 5.69
C LYS B 147 -2.56 -19.11 4.79
N GLY B 148 -3.59 -19.78 4.27
CA GLY B 148 -4.58 -19.07 3.48
C GLY B 148 -5.35 -18.03 4.26
N MET B 149 -5.56 -18.29 5.56
CA MET B 149 -6.23 -17.31 6.41
C MET B 149 -5.37 -16.08 6.62
N VAL B 150 -4.06 -16.28 6.80
CA VAL B 150 -3.15 -15.14 6.87
C VAL B 150 -3.17 -14.38 5.55
N ALA B 151 -3.18 -15.10 4.43
CA ALA B 151 -3.08 -14.45 3.13
C ALA B 151 -4.29 -13.57 2.85
N ASP B 152 -5.49 -13.99 3.26
CA ASP B 152 -6.70 -13.24 2.95
C ASP B 152 -7.11 -12.29 4.07
N GLY B 153 -6.26 -12.13 5.10
CA GLY B 153 -6.52 -11.19 6.17
C GLY B 153 -7.38 -11.72 7.31
N SER B 154 -7.84 -12.97 7.24
CA SER B 154 -8.69 -13.51 8.29
C SER B 154 -7.94 -13.65 9.60
N LEU B 155 -6.65 -14.00 9.54
CA LEU B 155 -5.80 -14.13 10.70
C LEU B 155 -4.68 -13.11 10.59
N SER B 156 -4.51 -12.28 11.62
CA SER B 156 -3.41 -11.33 11.59
C SER B 156 -2.08 -12.06 11.78
N MET B 157 -1.00 -11.38 11.41
CA MET B 157 0.33 -11.95 11.64
C MET B 157 0.60 -12.12 13.13
N GLY B 158 0.00 -11.27 13.97
CA GLY B 158 0.14 -11.43 15.41
C GLY B 158 -0.55 -12.68 15.92
N HIS B 159 -1.75 -12.96 15.42
CA HIS B 159 -2.43 -14.21 15.74
C HIS B 159 -1.61 -15.40 15.24
N ALA B 160 -1.16 -15.34 13.99
CA ALA B 160 -0.39 -16.42 13.42
C ALA B 160 0.87 -16.69 14.23
N ARG B 161 1.50 -15.63 14.73
CA ARG B 161 2.75 -15.81 15.45
C ARG B 161 2.50 -16.58 16.75
N ALA B 162 1.45 -16.21 17.48
CA ALA B 162 1.10 -16.93 18.70
C ALA B 162 0.75 -18.38 18.41
N LEU B 163 0.02 -18.63 17.31
CA LEU B 163 -0.37 -20.00 16.99
C LEU B 163 0.84 -20.87 16.66
N LEU B 164 1.93 -20.27 16.21
CA LEU B 164 3.14 -21.02 15.93
C LEU B 164 3.70 -21.69 17.18
N GLY B 165 3.22 -21.31 18.37
CA GLY B 165 3.65 -21.97 19.58
C GLY B 165 3.04 -23.34 19.79
N VAL B 166 1.90 -23.62 19.14
CA VAL B 166 1.24 -24.91 19.26
C VAL B 166 2.15 -25.99 18.71
N PRO B 167 2.50 -27.01 19.50
CA PRO B 167 3.47 -28.00 19.01
C PRO B 167 2.93 -28.91 17.93
N ARG B 168 1.68 -29.35 18.04
CA ARG B 168 1.11 -30.33 17.12
C ARG B 168 0.20 -29.63 16.11
N LEU B 169 0.31 -30.03 14.85
CA LEU B 169 -0.45 -29.39 13.78
C LEU B 169 -1.96 -29.55 13.93
N PRO B 170 -2.48 -30.73 14.29
CA PRO B 170 -3.95 -30.83 14.45
C PRO B 170 -4.50 -29.84 15.46
N GLU B 171 -3.84 -29.67 16.61
CA GLU B 171 -4.28 -28.69 17.58
C GLU B 171 -4.23 -27.28 17.01
N LEU B 172 -3.18 -26.97 16.24
CA LEU B 172 -3.02 -25.61 15.75
C LEU B 172 -4.15 -25.22 14.80
N GLN B 173 -4.53 -26.14 13.92
CA GLN B 173 -5.62 -25.86 12.97
C GLN B 173 -6.94 -25.70 13.69
N ASN B 174 -7.21 -26.55 14.69
CA ASN B 174 -8.41 -26.38 15.50
C ASN B 174 -8.42 -25.00 16.16
N LEU B 175 -7.28 -24.59 16.71
CA LEU B 175 -7.26 -23.37 17.49
C LEU B 175 -7.45 -22.17 16.58
N ALA B 176 -6.88 -22.26 15.37
CA ALA B 176 -6.95 -21.17 14.42
C ALA B 176 -8.39 -20.88 14.03
N LYS B 177 -9.20 -21.93 13.84
CA LYS B 177 -10.61 -21.72 13.54
C LYS B 177 -11.31 -21.03 14.72
N GLN B 178 -10.99 -21.45 15.95
CA GLN B 178 -11.59 -20.80 17.12
C GLN B 178 -11.23 -19.32 17.15
N VAL B 179 -9.99 -18.98 16.83
CA VAL B 179 -9.58 -17.57 16.79
C VAL B 179 -10.50 -16.79 15.86
N ALA B 180 -10.71 -17.31 14.64
CA ALA B 180 -11.54 -16.61 13.68
C ALA B 180 -13.01 -16.66 14.06
N ASP B 181 -13.50 -17.85 14.44
CA ASP B 181 -14.91 -17.98 14.79
C ASP B 181 -15.31 -16.99 15.89
N LYS B 182 -14.41 -16.78 16.85
CA LYS B 182 -14.70 -16.17 18.11
C LYS B 182 -14.14 -14.77 18.18
N LYS B 183 -13.51 -14.36 17.09
CA LYS B 183 -12.85 -13.06 16.95
C LYS B 183 -11.90 -12.79 18.12
N LEU B 184 -11.19 -13.83 18.53
CA LEU B 184 -10.33 -13.70 19.70
C LEU B 184 -9.22 -12.69 19.46
N SER B 185 -8.90 -11.91 20.49
CA SER B 185 -7.77 -11.02 20.39
C SER B 185 -6.48 -11.84 20.26
N VAL B 186 -5.38 -11.14 19.97
CA VAL B 186 -4.11 -11.82 20.06
C VAL B 186 -3.91 -12.37 21.46
N ARG B 187 -4.51 -11.75 22.48
CA ARG B 187 -3.90 -12.07 23.75
C ARG B 187 -4.62 -13.31 24.26
N ASP B 188 -5.93 -13.35 23.94
CA ASP B 188 -6.76 -14.55 24.10
C ASP B 188 -6.16 -15.74 23.36
N THR B 189 -5.73 -15.52 22.11
CA THR B 189 -5.10 -16.60 21.37
C THR B 189 -3.88 -17.14 22.11
N GLU B 190 -3.06 -16.24 22.65
CA GLU B 190 -1.91 -16.67 23.43
C GLU B 190 -2.34 -17.53 24.62
N ARG B 191 -3.36 -17.10 25.34
CA ARG B 191 -3.87 -17.87 26.48
C ARG B 191 -4.20 -19.28 26.05
N LEU B 192 -4.96 -19.41 24.97
CA LEU B 192 -5.44 -20.70 24.54
C LEU B 192 -4.31 -21.58 24.01
N VAL B 193 -3.28 -20.98 23.43
CA VAL B 193 -2.09 -21.71 23.03
C VAL B 193 -1.34 -22.23 24.24
N GLN B 194 -1.13 -21.36 25.24
CA GLN B 194 -0.39 -21.77 26.43
C GLN B 194 -1.03 -22.99 27.09
N GLN B 195 -2.36 -23.03 27.15
CA GLN B 195 -3.03 -24.17 27.75
C GLN B 195 -2.82 -25.44 26.93
N SER B 196 -2.90 -25.34 25.60
CA SER B 196 -2.63 -26.50 24.76
C SER B 196 -1.24 -27.07 25.02
N ARG B 197 -0.28 -26.20 25.36
CA ARG B 197 1.07 -26.67 25.66
C ARG B 197 1.10 -27.48 26.94
N SER B 198 0.33 -27.06 27.96
CA SER B 198 0.25 -27.86 29.17
C SER B 198 -0.35 -29.24 28.90
N SER B 199 -1.24 -29.32 27.92
CA SER B 199 -1.94 -30.57 27.59
C SER B 199 -3.10 -30.80 28.55
#